data_6PDZ
#
_entry.id   6PDZ
#
_cell.length_a   59.756
_cell.length_b   93.484
_cell.length_c   114.607
_cell.angle_alpha   90.000
_cell.angle_beta   90.000
_cell.angle_gamma   90.000
#
_symmetry.space_group_name_H-M   'P 21 21 21'
#
loop_
_entity.id
_entity.type
_entity.pdbx_description
1 polymer 'Peroxisome proliferator-activated receptor gamma'
2 polymer 'Nuclear receptor corepressor 2'
3 non-polymer 2-chloro-5-nitro-N-(pyridin-4-yl)benzamide
4 water water
#
loop_
_entity_poly.entity_id
_entity_poly.type
_entity_poly.pdbx_seq_one_letter_code
_entity_poly.pdbx_strand_id
1 'polypeptide(L)'
;QLNPESADLRALAKHLYDSYIKSFPLTKAKARAILTGKTTDKSPFVIYDMNSLMMGEDKIKFKHITPLQEQSKEVAIRIF
QGCQFRSVEAVQEITEYAKSIPGFVNLDLNDQVTLLKYGVHEIIYTMLASLMNKDGVLISEGQGFMTREFLKSLRKPFGD
FMEPKFEFAVKFNALELDDSDLAIFIAVIILSGDRPGLLNVKPIEDIQDNLLQALELQLKLNHPESSQLFAKLLQKMTDL
RQIVTEHVQLLQVIKKTETDMSLHPLLQEIYKDLY
;
B,A
2 'polypeptide(L)' TNMGLEAIIRKALMGKYDQWEE C,D
#
loop_
_chem_comp.id
_chem_comp.type
_chem_comp.name
_chem_comp.formula
EEY non-polymer 2-chloro-5-nitro-N-(pyridin-4-yl)benzamide 'C12 H8 Cl N3 O3'
#
# COMPACT_ATOMS: atom_id res chain seq x y z
N GLN A 1 5.53 -28.70 16.03
CA GLN A 1 4.74 -27.51 15.70
C GLN A 1 4.33 -26.74 16.96
N LEU A 2 3.79 -27.43 17.96
CA LEU A 2 3.62 -26.83 19.29
C LEU A 2 4.92 -26.98 20.05
N ASN A 3 5.59 -25.87 20.28
CA ASN A 3 6.91 -25.88 20.89
C ASN A 3 7.05 -24.55 21.62
N PRO A 4 8.17 -24.26 22.30
CA PRO A 4 8.23 -22.97 23.01
C PRO A 4 8.02 -21.77 22.09
N GLU A 5 8.52 -21.84 20.86
CA GLU A 5 8.35 -20.74 19.91
C GLU A 5 6.87 -20.47 19.66
N SER A 6 6.12 -21.48 19.24
CA SER A 6 4.71 -21.27 18.96
C SER A 6 3.96 -20.90 20.23
N ALA A 7 4.34 -21.49 21.37
CA ALA A 7 3.66 -21.17 22.62
C ALA A 7 3.87 -19.71 23.01
N ASP A 8 5.09 -19.20 22.79
CA ASP A 8 5.31 -17.76 22.93
C ASP A 8 4.40 -16.96 22.00
N LEU A 9 4.24 -17.41 20.75
CA LEU A 9 3.37 -16.67 19.83
C LEU A 9 1.93 -16.68 20.31
N ARG A 10 1.47 -17.83 20.82
CA ARG A 10 0.13 -17.87 21.41
C ARG A 10 0.01 -16.95 22.62
N ALA A 11 1.05 -16.92 23.46
CA ALA A 11 1.04 -16.03 24.62
C ALA A 11 0.99 -14.59 24.19
N LEU A 12 1.70 -14.25 23.12
CA LEU A 12 1.68 -12.89 22.61
C LEU A 12 0.29 -12.54 22.09
N ALA A 13 -0.30 -13.44 21.31
CA ALA A 13 -1.64 -13.19 20.77
C ALA A 13 -2.65 -13.01 21.90
N LYS A 14 -2.52 -13.81 22.96
CA LYS A 14 -3.41 -13.69 24.10
C LYS A 14 -3.20 -12.35 24.80
N HIS A 15 -1.93 -12.00 25.03
CA HIS A 15 -1.59 -10.72 25.63
C HIS A 15 -2.18 -9.56 24.84
N LEU A 16 -1.97 -9.56 23.52
CA LEU A 16 -2.57 -8.54 22.66
C LEU A 16 -4.08 -8.54 22.75
N TYR A 17 -4.70 -9.71 22.73
CA TYR A 17 -6.16 -9.78 22.80
C TYR A 17 -6.67 -9.15 24.09
N ASP A 18 -6.15 -9.58 25.24
CA ASP A 18 -6.57 -9.03 26.53
C ASP A 18 -6.42 -7.52 26.57
N SER A 19 -5.29 -7.01 26.07
CA SER A 19 -5.05 -5.57 26.10
C SER A 19 -5.98 -4.83 25.14
N TYR A 20 -6.30 -5.46 24.02
CA TYR A 20 -7.25 -4.91 23.07
C TYR A 20 -8.64 -4.84 23.67
N ILE A 21 -9.06 -5.90 24.35
CA ILE A 21 -10.33 -5.92 25.05
C ILE A 21 -10.38 -4.82 26.11
N LYS A 22 -9.28 -4.66 26.84
CA LYS A 22 -9.18 -3.60 27.83
C LYS A 22 -9.14 -2.22 27.18
N SER A 23 -8.53 -2.10 26.00
CA SER A 23 -8.38 -0.77 25.41
C SER A 23 -9.59 -0.33 24.58
N PHE A 24 -10.22 -1.25 23.85
CA PHE A 24 -11.27 -0.85 22.90
C PHE A 24 -12.63 -1.32 23.38
N PRO A 25 -13.44 -0.46 24.00
CA PRO A 25 -14.80 -0.87 24.36
C PRO A 25 -15.63 -1.26 23.16
N LEU A 26 -15.40 -0.61 22.02
CA LEU A 26 -16.11 -0.91 20.78
C LEU A 26 -15.37 -2.04 20.06
N THR A 27 -15.83 -3.27 20.24
CA THR A 27 -15.20 -4.40 19.57
C THR A 27 -16.02 -4.80 18.35
N LYS A 28 -15.43 -5.68 17.54
CA LYS A 28 -16.17 -6.16 16.39
C LYS A 28 -17.34 -7.04 16.81
N ALA A 29 -17.15 -7.89 17.83
CA ALA A 29 -18.24 -8.73 18.30
C ALA A 29 -19.43 -7.87 18.74
N LYS A 30 -19.15 -6.77 19.43
CA LYS A 30 -20.23 -5.88 19.84
C LYS A 30 -20.92 -5.26 18.64
N ALA A 31 -20.15 -4.79 17.67
CA ALA A 31 -20.75 -4.20 16.47
C ALA A 31 -21.59 -5.23 15.74
N ARG A 32 -21.08 -6.45 15.59
CA ARG A 32 -21.82 -7.49 14.86
C ARG A 32 -23.11 -7.84 15.59
N ALA A 33 -23.09 -7.86 16.92
CA ALA A 33 -24.30 -8.15 17.67
C ALA A 33 -25.36 -7.08 17.43
N ILE A 34 -24.95 -5.82 17.40
CA ILE A 34 -25.91 -4.75 17.09
C ILE A 34 -26.46 -4.93 15.69
N LEU A 35 -25.57 -5.17 14.72
CA LEU A 35 -25.97 -5.20 13.32
C LEU A 35 -26.90 -6.36 13.02
N THR A 36 -26.74 -7.48 13.70
CA THR A 36 -27.60 -8.63 13.46
C THR A 36 -28.81 -8.65 14.38
N GLY A 37 -29.07 -7.55 15.10
CA GLY A 37 -30.31 -7.37 15.82
C GLY A 37 -30.38 -8.01 17.18
N LYS A 38 -29.25 -8.28 17.82
CA LYS A 38 -29.27 -9.02 19.06
C LYS A 38 -29.11 -8.15 20.30
N THR A 39 -28.88 -6.85 20.14
CA THR A 39 -28.67 -5.96 21.28
C THR A 39 -29.91 -5.11 21.48
N THR A 40 -30.66 -5.41 22.51
CA THR A 40 -31.94 -4.72 22.77
C THR A 40 -31.77 -3.22 22.93
N ASP A 41 -30.72 -2.78 23.60
CA ASP A 41 -30.53 -1.35 23.93
C ASP A 41 -29.84 -0.58 22.80
N LYS A 42 -29.47 -1.28 21.75
CA LYS A 42 -28.84 -0.65 20.59
C LYS A 42 -29.55 -1.28 19.39
N SER A 43 -30.79 -0.83 19.18
CA SER A 43 -31.63 -1.22 18.02
C SER A 43 -31.58 0.00 17.08
N PRO A 44 -30.57 0.11 16.20
CA PRO A 44 -30.38 1.30 15.38
C PRO A 44 -31.50 1.70 14.43
N PHE A 45 -32.13 2.84 14.69
CA PHE A 45 -33.12 3.40 13.75
C PHE A 45 -32.46 3.47 12.38
N VAL A 46 -33.09 2.89 11.39
CA VAL A 46 -32.53 2.83 10.05
C VAL A 46 -32.84 4.12 9.32
N ILE A 47 -31.78 4.83 8.94
CA ILE A 47 -31.90 6.07 8.17
C ILE A 47 -31.56 5.73 6.73
N TYR A 48 -32.57 5.70 5.87
CA TYR A 48 -32.40 5.24 4.50
C TYR A 48 -32.84 6.23 3.44
N ASP A 49 -33.43 7.36 3.81
CA ASP A 49 -33.83 8.39 2.87
C ASP A 49 -34.07 9.67 3.67
N MET A 50 -34.40 10.76 2.97
CA MET A 50 -34.58 12.06 3.62
C MET A 50 -35.74 12.03 4.60
N ASN A 51 -36.77 11.28 4.28
CA ASN A 51 -37.97 11.17 5.15
C ASN A 51 -37.57 10.57 6.48
N SER A 52 -36.96 9.39 6.43
CA SER A 52 -36.51 8.72 7.63
C SER A 52 -35.44 9.53 8.33
N LEU A 53 -34.65 10.28 7.56
CA LEU A 53 -33.67 11.19 8.12
C LEU A 53 -34.31 12.15 9.10
N MET A 54 -35.45 12.74 8.72
CA MET A 54 -36.16 13.64 9.61
C MET A 54 -36.68 12.91 10.84
N MET A 55 -37.31 11.75 10.65
CA MET A 55 -37.76 10.96 11.79
C MET A 55 -36.60 10.61 12.70
N GLY A 56 -35.38 10.50 12.15
CA GLY A 56 -34.25 10.00 12.91
C GLY A 56 -33.79 10.92 14.03
N GLU A 57 -33.94 12.22 13.86
CA GLU A 57 -33.49 13.18 14.88
C GLU A 57 -34.16 12.92 16.22
N ASP A 58 -33.40 12.39 17.17
CA ASP A 58 -33.78 12.30 18.57
C ASP A 58 -32.78 13.03 19.47
N LYS A 59 -31.49 12.76 19.27
CA LYS A 59 -30.38 13.57 19.77
C LYS A 59 -30.58 14.14 21.18
N LYS A 73 -16.17 23.09 -0.06
CA LYS A 73 -17.27 23.42 0.85
C LYS A 73 -16.75 23.65 2.26
N GLU A 74 -17.28 24.70 2.90
CA GLU A 74 -17.09 24.87 4.33
C GLU A 74 -17.75 23.73 5.10
N VAL A 75 -18.82 23.16 4.54
CA VAL A 75 -19.50 22.03 5.19
C VAL A 75 -18.56 20.85 5.29
N ALA A 76 -17.79 20.59 4.25
CA ALA A 76 -16.91 19.43 4.24
C ALA A 76 -15.79 19.60 5.25
N ILE A 77 -15.04 20.71 5.16
CA ILE A 77 -13.91 20.92 6.07
C ILE A 77 -14.39 20.81 7.51
N ARG A 78 -15.62 21.27 7.76
CA ARG A 78 -16.15 21.21 9.11
C ARG A 78 -16.63 19.81 9.47
N ILE A 79 -17.01 19.00 8.48
CA ILE A 79 -17.14 17.56 8.74
C ILE A 79 -15.82 16.99 9.21
N PHE A 80 -14.73 17.33 8.51
CA PHE A 80 -13.43 16.76 8.83
C PHE A 80 -12.90 17.30 10.15
N GLN A 81 -13.01 18.62 10.37
CA GLN A 81 -12.67 19.16 11.68
C GLN A 81 -13.44 18.44 12.78
N GLY A 82 -14.72 18.17 12.54
CA GLY A 82 -15.54 17.47 13.52
C GLY A 82 -15.06 16.05 13.78
N CYS A 83 -15.16 15.19 12.77
CA CYS A 83 -14.79 13.79 12.94
C CYS A 83 -13.37 13.65 13.44
N GLN A 84 -12.45 14.50 12.98
CA GLN A 84 -11.07 14.34 13.44
C GLN A 84 -10.93 14.80 14.87
N PHE A 85 -11.82 15.67 15.32
CA PHE A 85 -11.86 15.99 16.75
C PHE A 85 -12.54 14.88 17.54
N ARG A 86 -13.63 14.32 17.03
CA ARG A 86 -14.29 13.23 17.75
C ARG A 86 -13.57 11.90 17.62
N SER A 87 -12.37 11.86 17.05
CA SER A 87 -11.58 10.64 17.04
C SER A 87 -10.56 10.63 18.17
N VAL A 88 -10.51 11.71 18.96
CA VAL A 88 -9.54 11.81 20.05
C VAL A 88 -9.65 10.61 20.99
N GLU A 89 -10.88 10.16 21.26
CA GLU A 89 -11.03 9.03 22.17
C GLU A 89 -10.45 7.75 21.57
N ALA A 90 -10.69 7.53 20.28
CA ALA A 90 -10.11 6.36 19.62
C ALA A 90 -8.59 6.44 19.57
N VAL A 91 -8.05 7.65 19.35
CA VAL A 91 -6.60 7.83 19.30
C VAL A 91 -5.98 7.52 20.66
N GLN A 92 -6.66 7.94 21.74
CA GLN A 92 -6.19 7.62 23.07
C GLN A 92 -6.30 6.13 23.37
N GLU A 93 -7.38 5.49 22.90
CA GLU A 93 -7.50 4.05 23.05
C GLU A 93 -6.41 3.32 22.28
N ILE A 94 -6.21 3.68 21.01
CA ILE A 94 -5.15 3.06 20.24
C ILE A 94 -3.80 3.29 20.91
N THR A 95 -3.57 4.50 21.41
CA THR A 95 -2.30 4.78 22.10
C THR A 95 -2.12 3.91 23.32
N GLU A 96 -3.18 3.74 24.11
CA GLU A 96 -3.12 2.82 25.25
C GLU A 96 -2.78 1.41 24.77
N TYR A 97 -3.46 0.96 23.72
CA TYR A 97 -3.16 -0.34 23.17
C TYR A 97 -1.72 -0.43 22.71
N ALA A 98 -1.20 0.62 22.08
CA ALA A 98 0.16 0.58 21.58
C ALA A 98 1.14 0.39 22.71
N LYS A 99 0.87 1.05 23.86
CA LYS A 99 1.74 0.92 25.02
C LYS A 99 1.85 -0.51 25.50
N SER A 100 0.82 -1.33 25.28
CA SER A 100 0.87 -2.71 25.74
C SER A 100 1.58 -3.64 24.76
N ILE A 101 1.94 -3.18 23.57
CA ILE A 101 2.63 -4.03 22.60
C ILE A 101 4.06 -4.19 23.10
N PRO A 102 4.52 -5.41 23.36
CA PRO A 102 5.86 -5.58 23.93
C PRO A 102 6.92 -4.94 23.04
N GLY A 103 7.69 -4.03 23.63
CA GLY A 103 8.75 -3.35 22.94
C GLY A 103 8.43 -1.93 22.52
N PHE A 104 7.14 -1.59 22.41
CA PHE A 104 6.76 -0.32 21.81
C PHE A 104 7.24 0.86 22.65
N VAL A 105 6.99 0.83 23.97
CA VAL A 105 7.41 1.94 24.82
C VAL A 105 8.92 2.05 25.01
N ASN A 106 9.68 1.02 24.64
CA ASN A 106 11.13 1.16 24.64
C ASN A 106 11.66 1.86 23.41
N LEU A 107 10.85 1.97 22.36
CA LEU A 107 11.28 2.68 21.17
C LEU A 107 11.47 4.16 21.48
N ASP A 108 12.33 4.80 20.69
CA ASP A 108 12.44 6.26 20.69
C ASP A 108 11.06 6.90 20.74
N LEU A 109 10.89 7.90 21.62
CA LEU A 109 9.57 8.46 21.81
C LEU A 109 9.03 9.07 20.53
N ASN A 110 9.89 9.73 19.74
CA ASN A 110 9.42 10.34 18.50
C ASN A 110 8.91 9.29 17.53
N ASP A 111 9.56 8.11 17.51
CA ASP A 111 9.08 7.01 16.68
C ASP A 111 7.74 6.49 17.19
N GLN A 112 7.56 6.40 18.50
CA GLN A 112 6.25 6.03 19.02
C GLN A 112 5.17 6.98 18.53
N VAL A 113 5.44 8.28 18.64
CA VAL A 113 4.51 9.29 18.14
C VAL A 113 4.30 9.12 16.66
N THR A 114 5.39 8.93 15.91
CA THR A 114 5.28 8.79 14.46
C THR A 114 4.47 7.55 14.10
N LEU A 115 4.75 6.42 14.76
CA LEU A 115 4.00 5.21 14.48
C LEU A 115 2.52 5.42 14.73
N LEU A 116 2.19 6.09 15.81
CA LEU A 116 0.79 6.28 16.16
C LEU A 116 0.12 7.28 15.23
N LYS A 117 0.84 8.34 14.85
CA LYS A 117 0.16 9.39 14.11
C LYS A 117 -0.21 8.93 12.71
N TYR A 118 0.55 7.98 12.15
CA TYR A 118 0.13 7.37 10.89
C TYR A 118 -0.81 6.19 11.12
N GLY A 119 -0.56 5.43 12.17
CA GLY A 119 -1.32 4.21 12.38
C GLY A 119 -2.77 4.45 12.75
N VAL A 120 -3.09 5.54 13.47
CA VAL A 120 -4.43 5.68 14.06
C VAL A 120 -5.49 5.73 12.95
N HIS A 121 -5.21 6.46 11.87
CA HIS A 121 -6.21 6.58 10.80
C HIS A 121 -6.53 5.22 10.19
N GLU A 122 -5.50 4.41 9.96
CA GLU A 122 -5.70 3.08 9.40
C GLU A 122 -6.44 2.18 10.37
N ILE A 123 -6.15 2.33 11.66
CA ILE A 123 -6.84 1.52 12.67
C ILE A 123 -8.27 1.98 12.81
N ILE A 124 -8.52 3.29 12.70
CA ILE A 124 -9.90 3.78 12.75
C ILE A 124 -10.72 3.19 11.61
N TYR A 125 -10.14 3.12 10.41
CA TYR A 125 -10.88 2.54 9.30
C TYR A 125 -11.11 1.06 9.53
N THR A 126 -10.10 0.36 10.08
CA THR A 126 -10.27 -1.04 10.41
C THR A 126 -11.47 -1.22 11.32
N MET A 127 -11.56 -0.40 12.37
CA MET A 127 -12.67 -0.52 13.30
C MET A 127 -13.95 0.08 12.74
N LEU A 128 -13.86 1.03 11.82
CA LEU A 128 -15.06 1.49 11.12
C LEU A 128 -15.73 0.34 10.38
N ALA A 129 -14.92 -0.53 9.77
CA ALA A 129 -15.48 -1.65 9.00
C ALA A 129 -16.36 -2.53 9.89
N SER A 130 -15.97 -2.69 11.15
CA SER A 130 -16.80 -3.44 12.08
C SER A 130 -18.20 -2.86 12.18
N LEU A 131 -18.33 -1.56 12.04
CA LEU A 131 -19.62 -0.90 12.09
C LEU A 131 -20.37 -0.97 10.78
N MET A 132 -19.77 -1.56 9.74
CA MET A 132 -20.34 -1.54 8.41
C MET A 132 -20.78 -2.93 7.97
N ASN A 133 -21.90 -2.98 7.25
CA ASN A 133 -22.13 -4.14 6.40
C ASN A 133 -22.43 -3.62 5.01
N LYS A 134 -22.81 -4.50 4.09
CA LYS A 134 -23.06 -4.02 2.74
C LYS A 134 -24.19 -3.01 2.66
N ASP A 135 -25.07 -2.96 3.66
CA ASP A 135 -26.24 -2.07 3.60
C ASP A 135 -26.01 -0.69 4.23
N GLY A 136 -25.04 -0.55 5.13
CA GLY A 136 -24.84 0.74 5.77
C GLY A 136 -23.93 0.62 6.98
N VAL A 137 -23.96 1.65 7.81
CA VAL A 137 -22.98 1.81 8.88
C VAL A 137 -23.72 2.24 10.13
N LEU A 138 -23.30 1.69 11.28
CA LEU A 138 -23.84 2.11 12.56
C LEU A 138 -23.37 3.51 12.90
N ILE A 139 -24.27 4.32 13.45
CA ILE A 139 -23.96 5.67 13.88
C ILE A 139 -24.61 5.89 15.24
N SER A 140 -24.22 7.00 15.88
CA SER A 140 -24.74 7.41 17.19
C SER A 140 -24.72 6.25 18.19
N GLU A 141 -23.56 5.63 18.32
CA GLU A 141 -23.34 4.61 19.34
C GLU A 141 -24.38 3.48 19.22
N GLY A 142 -24.60 3.05 17.98
CA GLY A 142 -25.52 1.96 17.74
C GLY A 142 -26.98 2.33 17.76
N GLN A 143 -27.33 3.61 17.85
CA GLN A 143 -28.74 4.01 17.84
C GLN A 143 -29.23 4.36 16.44
N GLY A 144 -28.32 4.56 15.49
CA GLY A 144 -28.70 4.82 14.11
C GLY A 144 -27.95 3.90 13.18
N PHE A 145 -28.58 3.62 12.05
CA PHE A 145 -27.99 2.83 10.99
C PHE A 145 -28.19 3.62 9.71
N MET A 146 -27.13 4.22 9.22
CA MET A 146 -27.14 5.03 8.02
C MET A 146 -26.87 4.13 6.82
N THR A 147 -27.78 4.11 5.84
CA THR A 147 -27.58 3.15 4.76
C THR A 147 -26.52 3.65 3.78
N ARG A 148 -25.79 2.67 3.24
CA ARG A 148 -24.75 2.94 2.25
C ARG A 148 -25.30 3.66 1.02
N GLU A 149 -26.46 3.22 0.52
CA GLU A 149 -26.99 3.81 -0.71
C GLU A 149 -27.51 5.23 -0.48
N PHE A 150 -28.05 5.51 0.71
CA PHE A 150 -28.47 6.88 1.02
C PHE A 150 -27.27 7.81 1.04
N LEU A 151 -26.18 7.39 1.70
CA LEU A 151 -24.97 8.17 1.71
C LEU A 151 -24.48 8.41 0.29
N LYS A 152 -24.53 7.39 -0.55
CA LYS A 152 -24.02 7.51 -1.90
C LYS A 152 -24.86 8.46 -2.74
N SER A 153 -26.14 8.60 -2.40
CA SER A 153 -27.07 9.42 -3.17
C SER A 153 -26.89 10.90 -2.90
N LEU A 154 -26.11 11.28 -1.89
CA LEU A 154 -25.98 12.68 -1.56
C LEU A 154 -25.15 13.42 -2.61
N ARG A 155 -25.48 14.69 -2.76
CA ARG A 155 -24.80 15.58 -3.71
C ARG A 155 -23.29 15.47 -3.62
N LYS A 156 -22.63 15.55 -4.77
CA LYS A 156 -21.20 15.79 -4.76
C LYS A 156 -20.90 16.99 -3.86
N PRO A 157 -19.80 16.96 -3.09
CA PRO A 157 -18.82 15.87 -3.03
C PRO A 157 -19.16 14.81 -1.96
N PHE A 158 -20.22 15.07 -1.20
CA PHE A 158 -20.50 14.25 -0.02
C PHE A 158 -20.87 12.82 -0.39
N GLY A 159 -21.55 12.62 -1.52
CA GLY A 159 -21.92 11.29 -1.95
C GLY A 159 -20.77 10.33 -2.14
N ASP A 160 -19.57 10.85 -2.43
CA ASP A 160 -18.40 10.01 -2.64
C ASP A 160 -17.57 9.80 -1.38
N PHE A 161 -17.95 10.43 -0.25
CA PHE A 161 -17.13 10.35 0.95
C PHE A 161 -16.95 8.90 1.41
N MET A 162 -18.05 8.16 1.54
CA MET A 162 -18.04 6.91 2.28
C MET A 162 -17.98 5.68 1.39
N GLU A 163 -18.35 5.78 0.12
CA GLU A 163 -18.45 4.58 -0.70
C GLU A 163 -17.15 3.77 -0.75
N PRO A 164 -15.96 4.36 -0.92
CA PRO A 164 -14.76 3.53 -0.92
C PRO A 164 -14.49 2.89 0.42
N LYS A 165 -14.98 3.46 1.51
CA LYS A 165 -14.84 2.82 2.81
C LYS A 165 -15.77 1.61 2.90
N PHE A 166 -16.99 1.75 2.39
CA PHE A 166 -17.87 0.58 2.29
C PHE A 166 -17.27 -0.50 1.42
N GLU A 167 -16.67 -0.11 0.29
CA GLU A 167 -16.05 -1.10 -0.57
C GLU A 167 -14.93 -1.81 0.16
N PHE A 168 -14.07 -1.05 0.85
CA PHE A 168 -13.06 -1.69 1.65
C PHE A 168 -13.68 -2.58 2.72
N ALA A 169 -14.71 -2.09 3.39
CA ALA A 169 -15.24 -2.82 4.54
C ALA A 169 -15.89 -4.13 4.10
N VAL A 170 -16.64 -4.09 2.99
CA VAL A 170 -17.24 -5.32 2.48
C VAL A 170 -16.15 -6.38 2.26
N LYS A 171 -15.07 -5.98 1.59
CA LYS A 171 -13.98 -6.92 1.34
C LYS A 171 -13.27 -7.31 2.63
N PHE A 172 -13.03 -6.34 3.51
CA PHE A 172 -12.37 -6.66 4.78
C PHE A 172 -13.22 -7.60 5.61
N ASN A 173 -14.52 -7.34 5.70
CA ASN A 173 -15.41 -8.17 6.51
C ASN A 173 -15.60 -9.56 5.92
N ALA A 174 -15.50 -9.68 4.59
CA ALA A 174 -15.55 -11.01 3.99
C ALA A 174 -14.43 -11.91 4.50
N LEU A 175 -13.35 -11.34 5.05
CA LEU A 175 -12.32 -12.16 5.68
C LEU A 175 -12.78 -12.77 7.00
N GLU A 176 -13.89 -12.28 7.57
CA GLU A 176 -14.44 -12.85 8.80
C GLU A 176 -13.43 -12.87 9.93
N LEU A 177 -12.65 -11.80 10.07
CA LEU A 177 -11.76 -11.72 11.20
C LEU A 177 -12.57 -11.51 12.47
N ASP A 178 -12.08 -12.05 13.59
CA ASP A 178 -12.68 -11.74 14.87
C ASP A 178 -11.74 -10.82 15.65
N ASP A 179 -12.14 -10.47 16.87
CA ASP A 179 -11.36 -9.49 17.63
C ASP A 179 -10.00 -10.06 18.01
N SER A 180 -9.89 -11.38 18.20
CA SER A 180 -8.59 -12.00 18.40
C SER A 180 -7.67 -11.75 17.22
N ASP A 181 -8.19 -11.90 16.00
CA ASP A 181 -7.41 -11.61 14.79
C ASP A 181 -7.05 -10.13 14.73
N LEU A 182 -8.05 -9.28 14.95
CA LEU A 182 -7.85 -7.84 14.75
C LEU A 182 -6.83 -7.28 15.73
N ALA A 183 -6.82 -7.77 16.97
CA ALA A 183 -5.87 -7.24 17.93
C ALA A 183 -4.44 -7.35 17.41
N ILE A 184 -4.09 -8.48 16.81
CA ILE A 184 -2.74 -8.62 16.26
C ILE A 184 -2.60 -7.81 14.98
N PHE A 185 -3.59 -7.91 14.09
CA PHE A 185 -3.59 -7.12 12.87
C PHE A 185 -3.31 -5.66 13.19
N ILE A 186 -4.03 -5.12 14.17
CA ILE A 186 -3.87 -3.72 14.55
C ILE A 186 -2.47 -3.44 15.08
N ALA A 187 -1.96 -4.35 15.93
CA ALA A 187 -0.58 -4.24 16.39
C ALA A 187 0.39 -4.22 15.23
N VAL A 188 0.14 -5.03 14.20
CA VAL A 188 1.04 -5.08 13.06
C VAL A 188 1.02 -3.76 12.32
N ILE A 189 -0.18 -3.19 12.13
CA ILE A 189 -0.32 -1.86 11.53
C ILE A 189 0.53 -0.85 12.27
N ILE A 190 0.41 -0.82 13.60
CA ILE A 190 1.10 0.21 14.39
C ILE A 190 2.60 0.12 14.19
N LEU A 191 3.12 -1.10 14.19
CA LEU A 191 4.57 -1.32 14.12
C LEU A 191 5.03 -1.38 12.67
N SER A 192 4.64 -0.39 11.88
CA SER A 192 5.01 -0.33 10.47
C SER A 192 6.30 0.46 10.34
N GLY A 193 7.38 -0.22 9.98
CA GLY A 193 8.67 0.42 9.87
C GLY A 193 8.83 1.33 8.67
N ASP A 194 7.83 1.45 7.81
CA ASP A 194 7.97 2.30 6.63
C ASP A 194 7.30 3.65 6.79
N ARG A 195 6.89 4.02 8.00
CA ARG A 195 6.31 5.34 8.21
C ARG A 195 7.34 6.41 7.96
N PRO A 196 6.96 7.51 7.32
CA PRO A 196 7.93 8.58 7.05
C PRO A 196 8.42 9.19 8.35
N GLY A 197 9.74 9.38 8.43
CA GLY A 197 10.31 10.10 9.56
C GLY A 197 10.69 9.24 10.73
N LEU A 198 10.62 7.92 10.61
CA LEU A 198 11.03 7.05 11.70
C LEU A 198 12.55 7.11 11.86
N LEU A 199 13.00 7.26 13.10
CA LEU A 199 14.44 7.35 13.36
C LEU A 199 15.10 5.97 13.35
N ASN A 200 14.53 5.01 14.07
CA ASN A 200 15.13 3.69 14.21
C ASN A 200 14.16 2.64 13.72
N VAL A 201 14.35 2.22 12.48
CA VAL A 201 13.42 1.32 11.81
C VAL A 201 13.65 -0.14 12.22
N LYS A 202 14.88 -0.51 12.56
CA LYS A 202 15.15 -1.91 12.92
C LYS A 202 14.41 -2.34 14.18
N PRO A 203 14.43 -1.61 15.30
CA PRO A 203 13.67 -2.08 16.46
C PRO A 203 12.18 -2.15 16.24
N ILE A 204 11.63 -1.35 15.32
CA ILE A 204 10.22 -1.47 14.96
C ILE A 204 10.00 -2.74 14.15
N GLU A 205 10.82 -2.97 13.13
CA GLU A 205 10.66 -4.14 12.27
C GLU A 205 10.80 -5.43 13.07
N ASP A 206 11.70 -5.42 14.06
CA ASP A 206 11.88 -6.57 14.93
C ASP A 206 10.58 -6.91 15.67
N ILE A 207 9.91 -5.90 16.22
CA ILE A 207 8.63 -6.16 16.89
C ILE A 207 7.60 -6.62 15.86
N GLN A 208 7.50 -5.92 14.72
CA GLN A 208 6.50 -6.29 13.73
C GLN A 208 6.71 -7.71 13.23
N ASP A 209 7.96 -8.10 13.01
CA ASP A 209 8.23 -9.47 12.60
C ASP A 209 7.71 -10.46 13.62
N ASN A 210 7.88 -10.17 14.91
CA ASN A 210 7.30 -11.00 15.96
C ASN A 210 5.78 -10.97 15.91
N LEU A 211 5.20 -9.77 15.75
CA LEU A 211 3.76 -9.66 15.61
C LEU A 211 3.26 -10.41 14.38
N LEU A 212 3.98 -10.29 13.26
CA LEU A 212 3.58 -10.99 12.04
C LEU A 212 3.64 -12.49 12.21
N GLN A 213 4.66 -12.99 12.92
CA GLN A 213 4.66 -14.40 13.26
C GLN A 213 3.43 -14.78 14.07
N ALA A 214 3.10 -13.95 15.07
CA ALA A 214 1.95 -14.24 15.91
C ALA A 214 0.67 -14.20 15.10
N LEU A 215 0.58 -13.23 14.17
CA LEU A 215 -0.60 -13.12 13.32
C LEU A 215 -0.75 -14.34 12.43
N GLU A 216 0.35 -14.73 11.78
CA GLU A 216 0.32 -15.88 10.90
C GLU A 216 -0.18 -17.12 11.64
N LEU A 217 0.30 -17.35 12.85
CA LEU A 217 -0.15 -18.50 13.62
C LEU A 217 -1.62 -18.37 13.99
N GLN A 218 -2.01 -17.21 14.51
CA GLN A 218 -3.41 -16.94 14.82
C GLN A 218 -4.32 -17.32 13.65
N LEU A 219 -3.94 -16.93 12.42
CA LEU A 219 -4.83 -17.13 11.29
C LEU A 219 -4.90 -18.61 10.89
N LYS A 220 -3.78 -19.33 11.01
CA LYS A 220 -3.81 -20.76 10.78
C LYS A 220 -4.74 -21.45 11.78
N LEU A 221 -4.62 -21.09 13.07
CA LEU A 221 -5.42 -21.75 14.10
C LEU A 221 -6.88 -21.37 14.01
N ASN A 222 -7.18 -20.16 13.57
CA ASN A 222 -8.53 -19.63 13.65
C ASN A 222 -9.28 -19.69 12.32
N HIS A 223 -8.59 -19.89 11.20
CA HIS A 223 -9.23 -19.78 9.89
C HIS A 223 -8.78 -20.92 8.99
N PRO A 224 -9.27 -22.14 9.26
CA PRO A 224 -8.91 -23.28 8.40
C PRO A 224 -9.41 -23.14 6.96
N GLU A 225 -10.43 -22.33 6.74
CA GLU A 225 -11.04 -22.17 5.43
C GLU A 225 -10.21 -21.32 4.49
N SER A 226 -9.45 -20.36 5.02
CA SER A 226 -9.03 -19.18 4.28
C SER A 226 -7.65 -19.41 3.70
N SER A 227 -7.60 -19.76 2.42
CA SER A 227 -6.33 -19.85 1.71
C SER A 227 -5.70 -18.46 1.60
N GLN A 228 -4.43 -18.36 1.98
CA GLN A 228 -3.66 -17.14 1.85
C GLN A 228 -4.32 -15.99 2.62
N LEU A 229 -5.05 -16.30 3.69
CA LEU A 229 -5.64 -15.26 4.52
C LEU A 229 -4.58 -14.30 5.06
N PHE A 230 -3.45 -14.84 5.50
CA PHE A 230 -2.34 -14.01 5.97
C PHE A 230 -1.94 -12.99 4.91
N ALA A 231 -1.69 -13.45 3.69
CA ALA A 231 -1.35 -12.54 2.61
C ALA A 231 -2.48 -11.57 2.33
N LYS A 232 -3.71 -12.06 2.31
CA LYS A 232 -4.83 -11.19 1.98
C LYS A 232 -4.99 -10.11 3.04
N LEU A 233 -4.76 -10.49 4.30
CA LEU A 233 -4.83 -9.52 5.37
C LEU A 233 -3.73 -8.47 5.23
N LEU A 234 -2.52 -8.90 4.86
CA LEU A 234 -1.45 -7.91 4.68
C LEU A 234 -1.78 -6.99 3.52
N GLN A 235 -2.35 -7.54 2.44
CA GLN A 235 -2.78 -6.68 1.35
C GLN A 235 -3.78 -5.63 1.83
N LYS A 236 -4.59 -5.95 2.83
CA LYS A 236 -5.54 -4.95 3.35
C LYS A 236 -4.83 -3.76 3.99
N MET A 237 -3.59 -3.93 4.44
CA MET A 237 -2.86 -2.78 4.94
C MET A 237 -2.58 -1.81 3.81
N THR A 238 -2.33 -2.33 2.62
CA THR A 238 -2.22 -1.50 1.43
C THR A 238 -3.55 -0.80 1.13
N ASP A 239 -4.68 -1.51 1.24
CA ASP A 239 -5.96 -0.84 1.02
C ASP A 239 -6.20 0.24 2.06
N LEU A 240 -5.80 -0.02 3.31
CA LEU A 240 -5.99 0.99 4.36
C LEU A 240 -5.18 2.23 4.06
N ARG A 241 -3.92 2.07 3.63
CA ARG A 241 -3.09 3.22 3.26
C ARG A 241 -3.72 3.99 2.13
N GLN A 242 -4.30 3.28 1.16
CA GLN A 242 -4.98 3.93 0.05
C GLN A 242 -6.14 4.78 0.53
N ILE A 243 -6.95 4.27 1.46
CA ILE A 243 -8.09 5.06 1.96
C ILE A 243 -7.60 6.33 2.61
N VAL A 244 -6.59 6.23 3.49
CA VAL A 244 -6.03 7.43 4.11
C VAL A 244 -5.50 8.36 3.02
N THR A 245 -4.72 7.82 2.11
CA THR A 245 -4.22 8.59 0.97
C THR A 245 -5.35 9.27 0.21
N GLU A 246 -6.45 8.55 -0.02
CA GLU A 246 -7.58 9.13 -0.75
C GLU A 246 -8.17 10.34 -0.05
N HIS A 247 -7.99 10.47 1.27
CA HIS A 247 -8.52 11.66 1.94
C HIS A 247 -7.73 12.91 1.57
N VAL A 248 -6.42 12.78 1.36
CA VAL A 248 -5.63 13.91 0.87
C VAL A 248 -6.20 14.39 -0.46
N GLN A 249 -6.44 13.46 -1.36
CA GLN A 249 -7.01 13.84 -2.66
C GLN A 249 -8.42 14.39 -2.45
N LEU A 250 -9.13 13.95 -1.42
CA LEU A 250 -10.48 14.46 -1.16
C LEU A 250 -10.45 15.94 -0.78
N LEU A 251 -9.43 16.36 -0.04
CA LEU A 251 -9.28 17.77 0.32
C LEU A 251 -9.14 18.65 -0.92
N GLN A 252 -8.42 18.17 -1.93
CA GLN A 252 -8.27 18.93 -3.17
C GLN A 252 -9.61 19.05 -3.90
N VAL A 253 -10.33 17.93 -4.05
CA VAL A 253 -11.66 18.00 -4.65
C VAL A 253 -12.51 19.05 -3.95
N ILE A 254 -12.34 19.15 -2.63
CA ILE A 254 -13.12 20.11 -1.86
C ILE A 254 -12.60 21.54 -2.06
N LYS A 255 -11.29 21.73 -2.24
CA LYS A 255 -10.75 23.06 -2.49
C LYS A 255 -11.41 23.71 -3.70
N LYS A 256 -11.44 23.00 -4.82
CA LYS A 256 -12.13 23.48 -6.02
C LYS A 256 -13.53 22.91 -6.13
N THR A 257 -14.25 22.83 -5.01
CA THR A 257 -15.67 22.50 -5.06
C THR A 257 -16.46 23.79 -5.22
N GLU A 258 -17.31 23.84 -6.24
CA GLU A 258 -18.09 25.03 -6.59
C GLU A 258 -19.57 24.69 -6.47
N THR A 259 -20.07 24.68 -5.24
CA THR A 259 -21.50 24.51 -5.04
C THR A 259 -21.89 25.03 -3.67
N ASP A 260 -23.12 25.50 -3.58
CA ASP A 260 -23.80 25.76 -2.33
C ASP A 260 -25.00 24.82 -2.26
N MET A 261 -25.22 24.27 -1.08
CA MET A 261 -26.41 23.46 -0.79
C MET A 261 -26.47 23.24 0.70
N SER A 262 -27.64 23.46 1.29
CA SER A 262 -27.81 23.18 2.71
C SER A 262 -27.90 21.68 2.91
N LEU A 263 -26.74 21.02 2.99
CA LEU A 263 -26.69 19.64 3.46
C LEU A 263 -27.41 19.57 4.79
N HIS A 264 -28.42 18.71 4.86
CA HIS A 264 -29.23 18.62 6.05
C HIS A 264 -28.34 18.54 7.28
N PRO A 265 -28.54 19.39 8.29
CA PRO A 265 -27.63 19.40 9.44
C PRO A 265 -27.49 18.05 10.10
N LEU A 266 -28.55 17.25 10.15
CA LEU A 266 -28.41 15.91 10.69
C LEU A 266 -27.40 15.10 9.88
N LEU A 267 -27.41 15.27 8.55
CA LEU A 267 -26.44 14.56 7.73
C LEU A 267 -25.02 15.01 8.04
N GLN A 268 -24.82 16.32 8.26
CA GLN A 268 -23.52 16.79 8.70
C GLN A 268 -23.13 16.14 10.02
N GLU A 269 -24.09 15.96 10.93
CA GLU A 269 -23.80 15.30 12.19
C GLU A 269 -23.45 13.84 11.96
N ILE A 270 -24.22 13.14 11.12
CA ILE A 270 -23.91 11.76 10.78
C ILE A 270 -22.50 11.66 10.23
N TYR A 271 -22.15 12.53 9.28
CA TYR A 271 -20.82 12.46 8.69
C TYR A 271 -19.74 12.68 9.74
N LYS A 272 -20.00 13.53 10.73
CA LYS A 272 -19.03 13.70 11.82
C LYS A 272 -18.89 12.42 12.65
N ASP A 273 -19.84 11.51 12.55
CA ASP A 273 -19.79 10.20 13.17
C ASP A 273 -19.06 9.18 12.32
N LEU A 274 -18.46 9.61 11.22
CA LEU A 274 -17.81 8.69 10.31
C LEU A 274 -16.34 9.07 10.15
N TYR A 275 -15.70 8.63 9.08
CA TYR A 275 -14.29 8.89 8.90
C TYR A 275 -13.89 8.75 7.45
N ASN B 2 4.57 18.99 13.29
CA ASN B 2 3.65 18.53 14.33
C ASN B 2 2.25 19.12 14.16
N MET B 3 1.26 18.40 14.66
CA MET B 3 -0.14 18.79 14.54
C MET B 3 -0.80 18.65 15.90
N GLY B 4 -2.09 18.96 15.95
CA GLY B 4 -2.84 18.69 17.16
C GLY B 4 -2.89 17.21 17.48
N LEU B 5 -2.96 16.36 16.45
CA LEU B 5 -3.00 14.92 16.66
C LEU B 5 -1.73 14.43 17.34
N GLU B 6 -0.58 14.97 16.92
CA GLU B 6 0.73 14.62 17.51
C GLU B 6 0.73 15.05 18.99
N ALA B 7 0.09 16.17 19.30
CA ALA B 7 0.01 16.64 20.68
C ALA B 7 -0.93 15.77 21.51
N ILE B 8 -2.05 15.34 20.92
CA ILE B 8 -2.92 14.40 21.63
C ILE B 8 -2.17 13.10 21.92
N ILE B 9 -1.44 12.58 20.94
CA ILE B 9 -0.73 11.31 21.12
C ILE B 9 0.34 11.46 22.20
N ARG B 10 1.14 12.54 22.14
CA ARG B 10 2.21 12.71 23.12
C ARG B 10 1.66 12.75 24.53
N LYS B 11 0.56 13.49 24.71
CA LYS B 11 -0.13 13.54 26.00
C LYS B 11 -0.55 12.16 26.45
N ALA B 12 -1.18 11.39 25.54
CA ALA B 12 -1.64 10.06 25.88
C ALA B 12 -0.48 9.13 26.17
N LEU B 13 0.61 9.25 25.41
CA LEU B 13 1.79 8.44 25.67
C LEU B 13 2.38 8.75 27.05
N MET B 14 2.36 10.02 27.45
CA MET B 14 2.78 10.38 28.81
C MET B 14 1.57 10.42 29.74
N GLU C 5 0.64 -30.60 -4.76
CA GLU C 5 0.51 -29.16 -4.98
C GLU C 5 1.88 -28.50 -4.91
N SER C 6 2.72 -28.98 -3.98
CA SER C 6 4.04 -28.40 -3.79
C SER C 6 4.85 -28.47 -5.08
N ALA C 7 4.76 -29.59 -5.79
CA ALA C 7 5.43 -29.67 -7.09
C ALA C 7 4.76 -28.75 -8.11
N ASP C 8 3.44 -28.58 -8.01
CA ASP C 8 2.75 -27.62 -8.85
C ASP C 8 3.22 -26.20 -8.58
N LEU C 9 3.41 -25.83 -7.30
CA LEU C 9 3.86 -24.49 -6.99
C LEU C 9 5.30 -24.28 -7.45
N ARG C 10 6.13 -25.32 -7.31
CA ARG C 10 7.51 -25.24 -7.81
C ARG C 10 7.53 -25.10 -9.32
N ALA C 11 6.68 -25.86 -10.02
CA ALA C 11 6.61 -25.76 -11.47
C ALA C 11 6.18 -24.37 -11.90
N LEU C 12 5.18 -23.81 -11.22
CA LEU C 12 4.74 -22.46 -11.53
C LEU C 12 5.89 -21.48 -11.34
N ALA C 13 6.60 -21.58 -10.21
CA ALA C 13 7.74 -20.71 -9.97
C ALA C 13 8.76 -20.82 -11.10
N LYS C 14 9.08 -22.06 -11.52
CA LYS C 14 10.05 -22.25 -12.59
C LYS C 14 9.54 -21.72 -13.92
N HIS C 15 8.26 -21.93 -14.20
CA HIS C 15 7.68 -21.38 -15.43
C HIS C 15 7.76 -19.86 -15.42
N LEU C 16 7.41 -19.23 -14.29
CA LEU C 16 7.47 -17.79 -14.21
C LEU C 16 8.89 -17.29 -14.37
N TYR C 17 9.85 -17.98 -13.75
CA TYR C 17 11.25 -17.60 -13.89
C TYR C 17 11.70 -17.70 -15.34
N ASP C 18 11.35 -18.82 -15.99
CA ASP C 18 11.72 -18.99 -17.39
C ASP C 18 11.11 -17.90 -18.27
N SER C 19 9.85 -17.54 -18.01
CA SER C 19 9.23 -16.45 -18.75
C SER C 19 9.92 -15.14 -18.48
N TYR C 20 10.21 -14.88 -17.21
CA TYR C 20 10.90 -13.67 -16.81
C TYR C 20 12.23 -13.54 -17.53
N ILE C 21 12.99 -14.63 -17.59
CA ILE C 21 14.27 -14.63 -18.31
C ILE C 21 14.06 -14.29 -19.78
N LYS C 22 13.02 -14.86 -20.39
CA LYS C 22 12.70 -14.57 -21.77
C LYS C 22 12.25 -13.14 -21.97
N SER C 23 11.56 -12.56 -20.98
CA SER C 23 10.89 -11.29 -21.20
C SER C 23 11.80 -10.11 -20.92
N PHE C 24 12.71 -10.22 -19.96
CA PHE C 24 13.47 -9.07 -19.47
C PHE C 24 14.95 -9.29 -19.74
N PRO C 25 15.50 -8.64 -20.77
CA PRO C 25 16.92 -8.87 -21.09
C PRO C 25 17.87 -8.48 -19.96
N LEU C 26 17.65 -7.35 -19.29
CA LEU C 26 18.51 -6.94 -18.18
C LEU C 26 17.92 -7.48 -16.88
N THR C 27 18.50 -8.55 -16.36
CA THR C 27 18.01 -9.18 -15.15
C THR C 27 18.73 -8.61 -13.93
N LYS C 28 18.23 -8.97 -12.75
CA LYS C 28 18.95 -8.53 -11.57
C LYS C 28 20.32 -9.18 -11.51
N ALA C 29 20.40 -10.47 -11.87
CA ALA C 29 21.70 -11.14 -11.85
C ALA C 29 22.71 -10.38 -12.71
N LYS C 30 22.29 -9.99 -13.91
CA LYS C 30 23.17 -9.23 -14.81
C LYS C 30 23.50 -7.87 -14.22
N ALA C 31 22.50 -7.17 -13.70
CA ALA C 31 22.74 -5.86 -13.10
C ALA C 31 23.71 -5.94 -11.93
N ARG C 32 23.54 -6.93 -11.03
CA ARG C 32 24.46 -7.02 -9.89
C ARG C 32 25.87 -7.32 -10.38
N ALA C 33 26.00 -8.13 -11.42
CA ALA C 33 27.33 -8.45 -11.94
C ALA C 33 28.00 -7.20 -12.50
N ILE C 34 27.25 -6.34 -13.18
CA ILE C 34 27.81 -5.06 -13.61
C ILE C 34 28.14 -4.19 -12.41
N LEU C 35 27.18 -4.02 -11.50
CA LEU C 35 27.36 -3.13 -10.36
C LEU C 35 28.56 -3.53 -9.51
N THR C 36 28.79 -4.83 -9.35
CA THR C 36 29.88 -5.31 -8.50
C THR C 36 31.19 -5.54 -9.26
N GLY C 37 31.23 -5.22 -10.54
CA GLY C 37 32.45 -5.39 -11.32
C GLY C 37 32.80 -6.83 -11.68
N LYS C 38 31.87 -7.78 -11.56
CA LYS C 38 32.21 -9.18 -11.80
C LYS C 38 32.22 -9.55 -13.27
N THR C 39 31.68 -8.71 -14.12
CA THR C 39 31.64 -8.99 -15.55
C THR C 39 33.00 -8.67 -16.17
N THR C 40 33.25 -9.26 -17.32
CA THR C 40 34.48 -8.94 -18.06
C THR C 40 34.28 -7.77 -19.01
N ASP C 41 33.05 -7.31 -19.20
CA ASP C 41 32.78 -6.11 -19.99
C ASP C 41 33.44 -4.89 -19.37
N LYS C 42 33.67 -3.90 -20.22
CA LYS C 42 34.12 -2.61 -19.74
C LYS C 42 33.21 -2.12 -18.63
N SER C 43 33.81 -1.58 -17.58
CA SER C 43 33.02 -1.01 -16.51
C SER C 43 32.22 0.17 -17.07
N PRO C 44 31.01 0.39 -16.55
CA PRO C 44 30.13 1.39 -17.18
C PRO C 44 30.74 2.78 -17.09
N PHE C 45 30.44 3.60 -18.10
CA PHE C 45 30.71 5.03 -17.96
C PHE C 45 29.96 5.57 -16.76
N VAL C 46 30.57 6.52 -16.07
CA VAL C 46 30.02 7.03 -14.83
C VAL C 46 29.68 8.50 -15.01
N ILE C 47 28.48 8.88 -14.57
CA ILE C 47 28.09 10.27 -14.45
C ILE C 47 28.00 10.54 -12.96
N TYR C 48 28.93 11.33 -12.46
CA TYR C 48 29.03 11.62 -11.03
C TYR C 48 29.18 13.10 -10.72
N ASP C 49 29.34 13.96 -11.72
CA ASP C 49 29.54 15.38 -11.51
C ASP C 49 29.31 16.07 -12.85
N MET C 50 29.42 17.40 -12.85
CA MET C 50 29.15 18.16 -14.07
C MET C 50 30.08 17.77 -15.21
N ASN C 51 31.38 17.60 -14.91
CA ASN C 51 32.33 17.20 -15.94
C ASN C 51 31.92 15.89 -16.61
N SER C 52 31.68 14.85 -15.80
CA SER C 52 31.39 13.55 -16.38
C SER C 52 30.02 13.53 -17.05
N LEU C 53 29.09 14.36 -16.59
CA LEU C 53 27.81 14.47 -17.28
C LEU C 53 28.01 15.03 -18.68
N MET C 54 28.74 16.14 -18.80
CA MET C 54 29.00 16.72 -20.12
C MET C 54 29.85 15.77 -20.96
N MET C 55 30.83 15.12 -20.34
CA MET C 55 31.63 14.14 -21.05
C MET C 55 30.79 12.97 -21.54
N GLY C 56 29.80 12.55 -20.76
CA GLY C 56 28.93 11.47 -21.15
C GLY C 56 27.70 11.87 -21.92
N GLU C 57 27.59 13.16 -22.29
CA GLU C 57 26.40 13.69 -22.94
C GLU C 57 25.99 12.88 -24.17
N ASP C 58 26.96 12.51 -25.00
CA ASP C 58 26.66 11.82 -26.24
C ASP C 58 26.12 10.42 -25.99
N LYS C 59 26.46 9.88 -24.83
CA LYS C 59 25.95 8.54 -24.46
C LYS C 59 24.53 8.64 -23.91
N ILE C 60 24.10 9.79 -23.41
CA ILE C 60 22.75 9.80 -22.81
C ILE C 60 21.76 10.62 -23.61
N LYS C 61 22.17 11.12 -24.76
CA LYS C 61 21.23 11.96 -25.47
C LYS C 61 20.27 11.10 -26.29
N PHE C 62 19.19 11.74 -26.68
CA PHE C 62 18.14 11.08 -27.48
C PHE C 62 18.60 10.85 -28.91
N LYS C 63 18.47 9.62 -29.32
CA LYS C 63 18.79 9.17 -30.69
C LYS C 63 17.59 8.36 -31.21
N HIS C 64 16.69 7.94 -30.32
CA HIS C 64 15.54 7.08 -30.73
C HIS C 64 14.19 7.81 -30.69
N ILE C 65 14.05 8.83 -29.83
CA ILE C 65 12.78 9.59 -29.70
C ILE C 65 12.49 10.30 -31.03
N ALA C 76 7.08 21.77 -19.26
CA ALA C 76 7.42 21.81 -17.84
C ALA C 76 7.54 20.36 -17.39
N ILE C 77 6.65 19.51 -17.92
CA ILE C 77 6.67 18.04 -17.67
C ILE C 77 7.12 17.33 -18.93
N ARG C 78 7.95 18.05 -19.69
CA ARG C 78 8.72 17.46 -20.79
C ARG C 78 9.96 16.84 -20.13
N ILE C 79 10.30 17.25 -18.90
CA ILE C 79 11.41 16.72 -18.08
C ILE C 79 11.34 15.18 -18.00
N PHE C 80 10.15 14.58 -18.03
CA PHE C 80 10.07 13.12 -17.95
C PHE C 80 9.65 12.46 -19.25
N GLN C 81 9.53 13.20 -20.36
CA GLN C 81 9.18 12.53 -21.62
C GLN C 81 10.25 11.53 -22.02
N GLY C 82 11.51 11.80 -21.68
CA GLY C 82 12.57 10.84 -21.94
C GLY C 82 12.32 9.51 -21.24
N CYS C 83 12.12 9.56 -19.92
CA CYS C 83 11.86 8.32 -19.20
C CYS C 83 10.53 7.69 -19.62
N GLN C 84 9.53 8.51 -19.93
CA GLN C 84 8.29 7.96 -20.48
C GLN C 84 8.55 7.12 -21.71
N PHE C 85 9.34 7.64 -22.65
CA PHE C 85 9.59 6.92 -23.89
C PHE C 85 10.44 5.69 -23.63
N ARG C 86 11.57 5.88 -22.96
CA ARG C 86 12.47 4.76 -22.70
C ARG C 86 11.75 3.61 -21.99
N SER C 87 10.81 3.94 -21.10
CA SER C 87 10.08 2.92 -20.35
C SER C 87 8.96 2.27 -21.14
N VAL C 88 8.75 2.65 -22.40
CA VAL C 88 7.77 1.95 -23.21
C VAL C 88 8.23 0.50 -23.44
N GLU C 89 9.54 0.30 -23.57
CA GLU C 89 10.03 -1.06 -23.77
C GLU C 89 9.78 -1.93 -22.54
N ALA C 90 10.01 -1.40 -21.34
CA ALA C 90 9.68 -2.16 -20.14
C ALA C 90 8.19 -2.51 -20.09
N VAL C 91 7.33 -1.54 -20.42
CA VAL C 91 5.90 -1.82 -20.47
C VAL C 91 5.61 -3.00 -21.39
N GLN C 92 6.26 -3.02 -22.56
CA GLN C 92 6.06 -4.15 -23.48
C GLN C 92 6.60 -5.44 -22.89
N GLU C 93 7.78 -5.40 -22.29
CA GLU C 93 8.34 -6.63 -21.74
C GLU C 93 7.47 -7.14 -20.60
N ILE C 94 7.05 -6.24 -19.71
CA ILE C 94 6.13 -6.61 -18.63
C ILE C 94 4.87 -7.21 -19.22
N THR C 95 4.35 -6.61 -20.28
CA THR C 95 3.15 -7.14 -20.90
C THR C 95 3.38 -8.54 -21.44
N GLU C 96 4.48 -8.75 -22.15
CA GLU C 96 4.79 -10.10 -22.63
C GLU C 96 4.96 -11.06 -21.46
N TYR C 97 5.65 -10.63 -20.41
CA TYR C 97 5.74 -11.48 -19.22
C TYR C 97 4.36 -11.83 -18.68
N ALA C 98 3.46 -10.83 -18.61
CA ALA C 98 2.12 -11.09 -18.09
C ALA C 98 1.39 -12.17 -18.87
N LYS C 99 1.61 -12.25 -20.19
CA LYS C 99 0.96 -13.25 -21.03
C LYS C 99 1.30 -14.67 -20.60
N SER C 100 2.49 -14.87 -20.04
CA SER C 100 2.89 -16.19 -19.59
C SER C 100 2.32 -16.56 -18.23
N ILE C 101 1.68 -15.62 -17.53
CA ILE C 101 1.15 -15.93 -16.20
C ILE C 101 -0.09 -16.80 -16.38
N PRO C 102 -0.10 -18.04 -15.86
CA PRO C 102 -1.24 -18.93 -16.11
C PRO C 102 -2.56 -18.30 -15.73
N GLY C 103 -3.45 -18.22 -16.72
CA GLY C 103 -4.76 -17.68 -16.52
C GLY C 103 -4.90 -16.23 -16.91
N PHE C 104 -3.79 -15.53 -17.16
CA PHE C 104 -3.88 -14.10 -17.35
C PHE C 104 -4.58 -13.77 -18.66
N VAL C 105 -4.16 -14.40 -19.76
CA VAL C 105 -4.77 -14.10 -21.05
C VAL C 105 -6.20 -14.59 -21.14
N ASN C 106 -6.65 -15.39 -20.17
CA ASN C 106 -8.05 -15.80 -20.12
C ASN C 106 -8.92 -14.80 -19.39
N LEU C 107 -8.34 -13.82 -18.70
CA LEU C 107 -9.12 -12.71 -18.18
C LEU C 107 -9.69 -11.89 -19.32
N ASP C 108 -10.76 -11.15 -19.01
CA ASP C 108 -11.27 -10.20 -19.98
C ASP C 108 -10.17 -9.24 -20.36
N LEU C 109 -10.02 -9.00 -21.67
CA LEU C 109 -8.94 -8.16 -22.17
C LEU C 109 -8.95 -6.78 -21.52
N ASN C 110 -10.14 -6.23 -21.24
CA ASN C 110 -10.20 -4.96 -20.53
C ASN C 110 -9.48 -5.04 -19.19
N ASP C 111 -9.68 -6.15 -18.46
CA ASP C 111 -9.03 -6.30 -17.16
C ASP C 111 -7.53 -6.54 -17.33
N GLN C 112 -7.12 -7.30 -18.34
CA GLN C 112 -5.69 -7.45 -18.61
C GLN C 112 -5.05 -6.10 -18.80
N VAL C 113 -5.68 -5.24 -19.61
CA VAL C 113 -5.17 -3.90 -19.83
C VAL C 113 -5.13 -3.11 -18.52
N THR C 114 -6.23 -3.15 -17.76
CA THR C 114 -6.26 -2.41 -16.50
C THR C 114 -5.19 -2.91 -15.53
N LEU C 115 -5.00 -4.23 -15.45
CA LEU C 115 -3.99 -4.75 -14.53
C LEU C 115 -2.61 -4.27 -14.91
N LEU C 116 -2.29 -4.28 -16.18
CA LEU C 116 -0.95 -3.89 -16.64
C LEU C 116 -0.75 -2.38 -16.52
N LYS C 117 -1.75 -1.60 -16.85
CA LYS C 117 -1.66 -0.13 -16.84
C LYS C 117 -1.34 0.38 -15.44
N TYR C 118 -1.86 -0.25 -14.39
CA TYR C 118 -1.42 0.13 -13.04
C TYR C 118 -0.17 -0.65 -12.67
N GLY C 119 -0.08 -1.91 -13.03
CA GLY C 119 1.01 -2.72 -12.54
C GLY C 119 2.36 -2.30 -13.06
N VAL C 120 2.44 -1.79 -14.30
CA VAL C 120 3.77 -1.57 -14.90
C VAL C 120 4.58 -0.58 -14.08
N HIS C 121 3.95 0.47 -13.56
CA HIS C 121 4.73 1.48 -12.83
C HIS C 121 5.37 0.88 -11.59
N GLU C 122 4.61 0.06 -10.86
CA GLU C 122 5.15 -0.62 -9.69
C GLU C 122 6.25 -1.59 -10.07
N ILE C 123 6.10 -2.27 -11.21
CA ILE C 123 7.10 -3.23 -11.63
C ILE C 123 8.37 -2.51 -12.10
N ILE C 124 8.21 -1.38 -12.76
CA ILE C 124 9.38 -0.64 -13.22
C ILE C 124 10.20 -0.17 -12.02
N TYR C 125 9.54 0.32 -10.97
CA TYR C 125 10.25 0.67 -9.75
C TYR C 125 10.91 -0.55 -9.12
N THR C 126 10.19 -1.68 -9.09
CA THR C 126 10.76 -2.92 -8.59
C THR C 126 12.04 -3.26 -9.33
N MET C 127 12.02 -3.15 -10.64
CA MET C 127 13.18 -3.56 -11.41
C MET C 127 14.23 -2.45 -11.45
N LEU C 128 13.82 -1.19 -11.33
CA LEU C 128 14.81 -0.14 -11.13
C LEU C 128 15.68 -0.42 -9.91
N ALA C 129 15.07 -0.92 -8.83
CA ALA C 129 15.85 -1.27 -7.65
C ALA C 129 16.94 -2.27 -7.97
N SER C 130 16.69 -3.17 -8.93
CA SER C 130 17.74 -4.12 -9.29
C SER C 130 18.95 -3.42 -9.85
N LEU C 131 18.76 -2.24 -10.45
CA LEU C 131 19.87 -1.50 -11.04
C LEU C 131 20.50 -0.53 -10.06
N MET C 132 20.00 -0.47 -8.84
CA MET C 132 20.45 0.49 -7.88
C MET C 132 21.29 -0.17 -6.79
N ASN C 133 22.29 0.56 -6.33
CA ASN C 133 22.84 0.25 -5.04
C ASN C 133 22.80 1.56 -4.27
N LYS C 134 23.46 1.61 -3.11
CA LYS C 134 23.44 2.80 -2.27
C LYS C 134 24.20 3.97 -2.88
N ASP C 135 24.97 3.72 -3.94
CA ASP C 135 25.81 4.75 -4.56
C ASP C 135 25.27 5.26 -5.90
N GLY C 136 24.36 4.55 -6.54
CA GLY C 136 23.86 5.01 -7.82
C GLY C 136 23.08 3.91 -8.53
N VAL C 137 22.75 4.22 -9.79
CA VAL C 137 21.84 3.40 -10.57
C VAL C 137 22.44 3.19 -11.96
N LEU C 138 22.32 1.97 -12.45
CA LEU C 138 22.69 1.69 -13.82
C LEU C 138 21.74 2.40 -14.78
N ILE C 139 22.31 2.95 -15.84
CA ILE C 139 21.59 3.61 -16.93
C ILE C 139 22.13 3.03 -18.23
N SER C 140 21.50 3.43 -19.34
CA SER C 140 21.85 2.95 -20.68
C SER C 140 21.96 1.43 -20.70
N GLU C 141 20.94 0.78 -20.14
CA GLU C 141 20.85 -0.68 -20.14
C GLU C 141 22.09 -1.31 -19.48
N GLY C 142 22.69 -0.60 -18.53
CA GLY C 142 23.83 -1.10 -17.81
C GLY C 142 25.17 -0.63 -18.32
N GLN C 143 25.19 0.17 -19.40
CA GLN C 143 26.44 0.69 -19.94
C GLN C 143 26.93 1.91 -19.16
N GLY C 144 26.04 2.55 -18.41
CA GLY C 144 26.41 3.70 -17.62
C GLY C 144 25.96 3.54 -16.19
N PHE C 145 26.53 4.38 -15.35
CA PHE C 145 26.24 4.36 -13.92
C PHE C 145 26.11 5.81 -13.50
N MET C 146 24.94 6.17 -13.00
CA MET C 146 24.71 7.53 -12.54
C MET C 146 24.65 7.52 -11.03
N THR C 147 25.44 8.37 -10.39
CA THR C 147 25.57 8.25 -8.96
C THR C 147 24.39 8.89 -8.25
N ARG C 148 24.13 8.37 -7.05
CA ARG C 148 23.06 8.92 -6.23
C ARG C 148 23.36 10.36 -5.83
N GLU C 149 24.63 10.66 -5.59
CA GLU C 149 25.01 12.00 -5.16
C GLU C 149 24.87 13.02 -6.28
N PHE C 150 25.19 12.61 -7.52
CA PHE C 150 24.97 13.50 -8.66
C PHE C 150 23.50 13.86 -8.79
N LEU C 151 22.61 12.87 -8.65
CA LEU C 151 21.18 13.14 -8.72
C LEU C 151 20.74 14.04 -7.57
N LYS C 152 21.28 13.81 -6.37
CA LYS C 152 21.05 14.71 -5.25
C LYS C 152 21.62 16.09 -5.51
N SER C 153 22.69 16.18 -6.32
CA SER C 153 23.36 17.46 -6.52
C SER C 153 22.55 18.42 -7.36
N LEU C 154 21.52 17.94 -8.07
CA LEU C 154 20.77 18.83 -8.95
C LEU C 154 20.04 19.88 -8.14
N ARG C 155 19.94 21.08 -8.71
CA ARG C 155 19.13 22.17 -8.18
C ARG C 155 17.77 21.66 -7.71
N LYS C 156 17.30 22.19 -6.58
CA LYS C 156 15.95 21.89 -6.12
C LYS C 156 14.93 22.37 -7.16
N PRO C 157 13.85 21.63 -7.39
CA PRO C 157 13.46 20.39 -6.71
C PRO C 157 13.98 19.12 -7.41
N PHE C 158 14.79 19.29 -8.47
CA PHE C 158 15.22 18.15 -9.26
C PHE C 158 16.09 17.19 -8.46
N GLY C 159 16.84 17.69 -7.50
CA GLY C 159 17.68 16.86 -6.69
C GLY C 159 16.95 15.99 -5.69
N ASP C 160 15.63 16.12 -5.60
CA ASP C 160 14.82 15.31 -4.70
C ASP C 160 14.06 14.20 -5.42
N PHE C 161 14.14 14.14 -6.75
CA PHE C 161 13.27 13.23 -7.49
C PHE C 161 13.60 11.78 -7.22
N MET C 162 14.88 11.43 -7.22
CA MET C 162 15.28 10.03 -7.18
C MET C 162 15.61 9.51 -5.79
N GLU C 163 15.89 10.41 -4.84
CA GLU C 163 16.30 9.95 -3.52
C GLU C 163 15.26 9.04 -2.86
N PRO C 164 13.94 9.33 -2.94
CA PRO C 164 12.95 8.32 -2.46
C PRO C 164 13.12 6.96 -3.11
N LYS C 165 13.45 6.96 -4.41
CA LYS C 165 13.66 5.70 -5.16
C LYS C 165 14.83 4.93 -4.55
N PHE C 166 15.97 5.61 -4.37
CA PHE C 166 17.14 4.99 -3.76
C PHE C 166 16.84 4.48 -2.36
N GLU C 167 16.11 5.28 -1.56
CA GLU C 167 15.77 4.82 -0.23
C GLU C 167 14.93 3.56 -0.28
N PHE C 168 13.93 3.52 -1.17
CA PHE C 168 13.17 2.28 -1.34
C PHE C 168 14.09 1.15 -1.80
N ALA C 169 14.93 1.43 -2.79
CA ALA C 169 15.76 0.40 -3.41
C ALA C 169 16.71 -0.23 -2.42
N VAL C 170 17.37 0.60 -1.60
CA VAL C 170 18.34 0.08 -0.64
C VAL C 170 17.68 -0.90 0.32
N LYS C 171 16.50 -0.54 0.82
CA LYS C 171 15.78 -1.46 1.70
C LYS C 171 15.24 -2.65 0.92
N PHE C 172 14.70 -2.40 -0.28
CA PHE C 172 14.21 -3.52 -1.08
C PHE C 172 15.33 -4.51 -1.36
N ASN C 173 16.48 -4.00 -1.82
CA ASN C 173 17.63 -4.85 -2.13
C ASN C 173 18.18 -5.58 -0.91
N ALA C 174 17.96 -5.04 0.30
CA ALA C 174 18.39 -5.74 1.50
C ALA C 174 17.61 -7.03 1.74
N LEU C 175 16.48 -7.22 1.05
CA LEU C 175 15.77 -8.50 1.13
C LEU C 175 16.48 -9.58 0.34
N GLU C 176 17.43 -9.17 -0.51
CA GLU C 176 18.30 -10.09 -1.25
C GLU C 176 17.51 -11.02 -2.15
N LEU C 177 16.42 -10.52 -2.74
CA LEU C 177 15.69 -11.30 -3.70
C LEU C 177 16.54 -11.56 -4.95
N ASP C 178 16.37 -12.71 -5.55
CA ASP C 178 16.99 -13.00 -6.82
C ASP C 178 15.94 -12.96 -7.91
N ASP C 179 16.38 -13.16 -9.16
CA ASP C 179 15.44 -13.09 -10.27
C ASP C 179 14.32 -14.10 -10.15
N SER C 180 14.59 -15.28 -9.57
CA SER C 180 13.54 -16.26 -9.32
C SER C 180 12.46 -15.72 -8.38
N ASP C 181 12.89 -15.04 -7.31
CA ASP C 181 11.92 -14.41 -6.41
C ASP C 181 11.12 -13.34 -7.16
N LEU C 182 11.83 -12.47 -7.89
CA LEU C 182 11.21 -11.30 -8.47
C LEU C 182 10.18 -11.68 -9.50
N ALA C 183 10.43 -12.79 -10.22
CA ALA C 183 9.48 -13.24 -11.23
C ALA C 183 8.12 -13.50 -10.61
N ILE C 184 8.07 -14.15 -9.45
CA ILE C 184 6.77 -14.39 -8.84
C ILE C 184 6.22 -13.11 -8.24
N PHE C 185 7.07 -12.35 -7.54
CA PHE C 185 6.64 -11.09 -6.94
C PHE C 185 6.04 -10.16 -7.97
N ILE C 186 6.69 -10.04 -9.13
CA ILE C 186 6.16 -9.21 -10.20
C ILE C 186 4.82 -9.74 -10.68
N ALA C 187 4.71 -11.06 -10.83
CA ALA C 187 3.44 -11.64 -11.22
C ALA C 187 2.37 -11.30 -10.19
N VAL C 188 2.70 -11.39 -8.90
CA VAL C 188 1.74 -11.07 -7.84
C VAL C 188 1.28 -9.62 -7.98
N ILE C 189 2.19 -8.70 -8.27
CA ILE C 189 1.81 -7.31 -8.48
C ILE C 189 0.81 -7.20 -9.61
N ILE C 190 1.09 -7.85 -10.75
CA ILE C 190 0.23 -7.68 -11.91
C ILE C 190 -1.20 -8.10 -11.58
N LEU C 191 -1.33 -9.20 -10.83
CA LEU C 191 -2.62 -9.80 -10.53
C LEU C 191 -3.24 -9.19 -9.27
N SER C 192 -3.22 -7.86 -9.19
CA SER C 192 -3.78 -7.14 -8.06
C SER C 192 -5.26 -6.87 -8.30
N GLY C 193 -6.13 -7.52 -7.51
CA GLY C 193 -7.55 -7.39 -7.68
C GLY C 193 -8.16 -6.07 -7.25
N ASP C 194 -7.36 -5.11 -6.78
CA ASP C 194 -7.88 -3.84 -6.28
C ASP C 194 -7.59 -2.69 -7.23
N ARG C 195 -7.16 -2.97 -8.46
CA ARG C 195 -6.93 -1.88 -9.39
C ARG C 195 -8.26 -1.19 -9.68
N PRO C 196 -8.26 0.13 -9.80
CA PRO C 196 -9.50 0.83 -10.19
C PRO C 196 -10.01 0.31 -11.53
N GLY C 197 -11.32 0.07 -11.58
CA GLY C 197 -11.97 -0.18 -12.85
C GLY C 197 -11.94 -1.61 -13.32
N LEU C 198 -11.47 -2.53 -12.48
CA LEU C 198 -11.49 -3.95 -12.83
C LEU C 198 -12.92 -4.45 -12.97
N LEU C 199 -13.16 -5.22 -14.03
CA LEU C 199 -14.48 -5.77 -14.27
C LEU C 199 -14.75 -6.99 -13.40
N ASN C 200 -13.86 -7.97 -13.41
CA ASN C 200 -14.12 -9.29 -12.84
C ASN C 200 -13.02 -9.62 -11.83
N VAL C 201 -13.25 -9.21 -10.58
CA VAL C 201 -12.19 -9.25 -9.57
C VAL C 201 -11.86 -10.68 -9.19
N LYS C 202 -12.87 -11.54 -9.13
CA LYS C 202 -12.70 -12.88 -8.56
C LYS C 202 -11.68 -13.74 -9.31
N PRO C 203 -11.74 -13.88 -10.65
CA PRO C 203 -10.70 -14.70 -11.31
C PRO C 203 -9.31 -14.10 -11.18
N ILE C 204 -9.21 -12.78 -11.07
CA ILE C 204 -7.91 -12.15 -10.80
C ILE C 204 -7.36 -12.61 -9.45
N GLU C 205 -8.19 -12.51 -8.41
CA GLU C 205 -7.78 -12.94 -7.08
C GLU C 205 -7.43 -14.42 -7.06
N ASP C 206 -8.18 -15.23 -7.82
CA ASP C 206 -7.90 -16.67 -7.87
C ASP C 206 -6.50 -16.93 -8.40
N ILE C 207 -6.12 -16.26 -9.48
CA ILE C 207 -4.75 -16.37 -9.98
C ILE C 207 -3.77 -15.83 -8.94
N GLN C 208 -4.06 -14.65 -8.38
CA GLN C 208 -3.12 -14.09 -7.42
C GLN C 208 -2.91 -15.02 -6.24
N ASP C 209 -3.99 -15.65 -5.77
CA ASP C 209 -3.86 -16.58 -4.64
C ASP C 209 -2.90 -17.70 -4.98
N ASN C 210 -2.96 -18.21 -6.21
CA ASN C 210 -2.03 -19.25 -6.61
C ASN C 210 -0.61 -18.70 -6.73
N LEU C 211 -0.47 -17.47 -7.23
CA LEU C 211 0.86 -16.86 -7.29
C LEU C 211 1.40 -16.63 -5.89
N LEU C 212 0.55 -16.19 -4.97
CA LEU C 212 1.01 -15.96 -3.61
C LEU C 212 1.45 -17.26 -2.96
N GLN C 213 0.72 -18.35 -3.23
CA GLN C 213 1.11 -19.67 -2.74
C GLN C 213 2.50 -20.05 -3.27
N ALA C 214 2.73 -19.84 -4.56
CA ALA C 214 4.04 -20.10 -5.14
C ALA C 214 5.10 -19.18 -4.58
N LEU C 215 4.75 -17.91 -4.36
CA LEU C 215 5.71 -16.98 -3.77
C LEU C 215 6.09 -17.39 -2.35
N GLU C 216 5.09 -17.78 -1.56
CA GLU C 216 5.34 -18.24 -0.21
C GLU C 216 6.32 -19.40 -0.17
N LEU C 217 6.06 -20.44 -0.97
CA LEU C 217 6.96 -21.60 -0.97
C LEU C 217 8.32 -21.23 -1.52
N GLN C 218 8.35 -20.42 -2.59
CA GLN C 218 9.61 -19.98 -3.16
C GLN C 218 10.50 -19.34 -2.11
N LEU C 219 9.93 -18.42 -1.33
CA LEU C 219 10.72 -17.68 -0.35
C LEU C 219 11.14 -18.59 0.81
N LYS C 220 10.27 -19.53 1.20
CA LYS C 220 10.66 -20.49 2.22
C LYS C 220 11.82 -21.35 1.74
N LEU C 221 11.79 -21.76 0.47
CA LEU C 221 12.83 -22.65 -0.05
C LEU C 221 14.09 -21.90 -0.40
N ASN C 222 13.96 -20.68 -0.92
CA ASN C 222 15.08 -19.91 -1.44
C ASN C 222 15.70 -19.00 -0.39
N HIS C 223 14.95 -18.63 0.65
CA HIS C 223 15.45 -17.80 1.74
C HIS C 223 15.00 -18.43 3.05
N PRO C 224 15.43 -19.66 3.32
CA PRO C 224 14.91 -20.36 4.52
C PRO C 224 15.19 -19.65 5.83
N GLU C 225 16.26 -18.87 5.92
CA GLU C 225 16.60 -18.19 7.16
C GLU C 225 16.14 -16.73 7.19
N SER C 226 15.33 -16.32 6.23
CA SER C 226 14.87 -14.94 6.15
C SER C 226 13.48 -14.87 6.79
N SER C 227 13.43 -14.47 8.05
CA SER C 227 12.18 -14.53 8.81
C SER C 227 11.15 -13.55 8.25
N GLN C 228 9.94 -14.06 8.02
CA GLN C 228 8.80 -13.22 7.61
C GLN C 228 9.08 -12.48 6.30
N LEU C 229 9.90 -13.08 5.43
CA LEU C 229 10.22 -12.44 4.16
C LEU C 229 8.95 -12.26 3.31
N PHE C 230 8.09 -13.28 3.28
CA PHE C 230 6.84 -13.19 2.56
C PHE C 230 6.06 -11.93 2.97
N ALA C 231 5.82 -11.78 4.28
CA ALA C 231 5.13 -10.58 4.76
C ALA C 231 5.88 -9.31 4.38
N LYS C 232 7.20 -9.31 4.55
CA LYS C 232 7.97 -8.12 4.23
C LYS C 232 7.86 -7.77 2.77
N LEU C 233 7.90 -8.79 1.90
CA LEU C 233 7.71 -8.57 0.49
C LEU C 233 6.34 -7.98 0.20
N LEU C 234 5.30 -8.53 0.84
CA LEU C 234 3.96 -8.03 0.60
C LEU C 234 3.84 -6.57 1.03
N GLN C 235 4.52 -6.19 2.10
CA GLN C 235 4.48 -4.81 2.54
C GLN C 235 5.20 -3.90 1.56
N LYS C 236 6.21 -4.42 0.85
CA LYS C 236 6.89 -3.63 -0.17
C LYS C 236 5.93 -3.18 -1.28
N MET C 237 4.87 -3.95 -1.52
CA MET C 237 3.89 -3.52 -2.51
C MET C 237 3.19 -2.24 -2.09
N THR C 238 2.98 -2.05 -0.79
CA THR C 238 2.48 -0.77 -0.30
C THR C 238 3.47 0.36 -0.57
N ASP C 239 4.76 0.09 -0.36
CA ASP C 239 5.76 1.10 -0.64
C ASP C 239 5.84 1.43 -2.13
N LEU C 240 5.71 0.41 -2.99
CA LEU C 240 5.70 0.63 -4.42
C LEU C 240 4.55 1.53 -4.84
N ARG C 241 3.35 1.25 -4.33
CA ARG C 241 2.20 2.10 -4.62
C ARG C 241 2.41 3.50 -4.10
N GLN C 242 3.07 3.64 -2.95
CA GLN C 242 3.33 4.95 -2.39
C GLN C 242 4.23 5.76 -3.29
N ILE C 243 5.25 5.13 -3.88
CA ILE C 243 6.12 5.84 -4.80
C ILE C 243 5.36 6.30 -6.03
N VAL C 244 4.52 5.43 -6.60
CA VAL C 244 3.70 5.84 -7.74
C VAL C 244 2.79 6.98 -7.35
N THR C 245 2.18 6.90 -6.15
CA THR C 245 1.32 7.99 -5.69
C THR C 245 2.13 9.26 -5.49
N GLU C 246 3.34 9.15 -4.93
CA GLU C 246 4.19 10.31 -4.77
C GLU C 246 4.56 10.95 -6.10
N HIS C 247 4.48 10.20 -7.20
CA HIS C 247 4.80 10.80 -8.48
C HIS C 247 3.76 11.83 -8.89
N VAL C 248 2.49 11.59 -8.56
CA VAL C 248 1.46 12.61 -8.76
C VAL C 248 1.89 13.91 -8.09
N GLN C 249 2.26 13.83 -6.81
CA GLN C 249 2.72 15.03 -6.10
C GLN C 249 3.97 15.61 -6.75
N LEU C 250 4.81 14.75 -7.32
CA LEU C 250 5.99 15.23 -8.02
C LEU C 250 5.61 16.11 -9.20
N LEU C 251 4.58 15.71 -9.94
CA LEU C 251 4.19 16.49 -11.11
C LEU C 251 3.61 17.84 -10.72
N GLN C 252 2.91 17.92 -9.58
CA GLN C 252 2.41 19.20 -9.10
C GLN C 252 3.54 20.15 -8.73
N VAL C 253 4.52 19.65 -7.97
CA VAL C 253 5.73 20.42 -7.68
C VAL C 253 6.38 20.90 -8.97
N ILE C 254 6.25 20.12 -10.04
CA ILE C 254 6.89 20.47 -11.31
C ILE C 254 6.19 21.67 -11.94
N LYS C 255 4.86 21.67 -11.93
CA LYS C 255 4.12 22.78 -12.53
C LYS C 255 4.45 24.10 -11.86
N LYS C 256 4.66 24.10 -10.54
CA LYS C 256 4.98 25.30 -9.78
C LYS C 256 6.47 25.67 -9.85
N THR C 257 7.07 25.59 -11.04
CA THR C 257 8.46 26.04 -11.23
C THR C 257 8.48 27.38 -11.96
N LEU C 263 18.42 24.71 -17.88
CA LEU C 263 18.79 23.40 -17.29
C LEU C 263 17.98 22.31 -17.97
N HIS C 264 16.78 22.71 -18.43
CA HIS C 264 15.76 21.86 -19.10
C HIS C 264 16.33 20.75 -20.00
N PRO C 265 17.26 21.00 -20.94
CA PRO C 265 17.82 19.94 -21.82
C PRO C 265 18.63 18.80 -21.18
N LEU C 266 19.41 19.17 -20.16
CA LEU C 266 20.25 18.29 -19.35
C LEU C 266 19.35 17.27 -18.65
N LEU C 267 18.37 17.83 -17.96
CA LEU C 267 17.39 17.13 -17.11
C LEU C 267 16.67 16.03 -17.87
N GLN C 268 16.27 16.27 -19.09
CA GLN C 268 15.54 15.22 -19.85
C GLN C 268 16.42 13.97 -20.02
N GLU C 269 17.65 14.18 -20.46
CA GLU C 269 18.58 13.09 -20.69
C GLU C 269 19.00 12.46 -19.37
N ILE C 270 19.21 13.27 -18.34
CA ILE C 270 19.59 12.76 -17.02
C ILE C 270 18.56 11.77 -16.50
N TYR C 271 17.27 12.04 -16.73
CA TYR C 271 16.19 11.24 -16.15
C TYR C 271 15.67 10.15 -17.07
N LYS C 272 16.17 10.05 -18.31
CA LYS C 272 15.52 9.20 -19.30
C LYS C 272 15.54 7.73 -18.90
N ASP C 273 16.57 7.28 -18.22
CA ASP C 273 16.66 5.87 -17.81
C ASP C 273 16.27 5.66 -16.36
N LEU C 274 15.62 6.66 -15.75
CA LEU C 274 15.18 6.54 -14.37
C LEU C 274 13.65 6.47 -14.39
N TYR C 275 13.05 6.67 -13.22
CA TYR C 275 11.60 6.57 -13.11
C TYR C 275 11.17 7.12 -11.78
N MET D 3 -5.43 6.63 -22.84
CA MET D 3 -4.02 6.88 -22.55
C MET D 3 -3.13 6.22 -23.61
N GLY D 4 -1.99 6.85 -23.88
CA GLY D 4 -1.03 6.25 -24.79
C GLY D 4 -0.49 4.93 -24.28
N LEU D 5 -0.30 4.83 -22.96
CA LEU D 5 0.18 3.59 -22.36
C LEU D 5 -0.78 2.44 -22.61
N GLU D 6 -2.09 2.69 -22.50
CA GLU D 6 -3.06 1.64 -22.76
C GLU D 6 -3.01 1.17 -24.20
N ALA D 7 -2.83 2.10 -25.15
CA ALA D 7 -2.70 1.70 -26.55
C ALA D 7 -1.47 0.83 -26.77
N ILE D 8 -0.37 1.15 -26.10
CA ILE D 8 0.82 0.33 -26.23
C ILE D 8 0.58 -1.06 -25.63
N ILE D 9 -0.11 -1.12 -24.49
CA ILE D 9 -0.34 -2.40 -23.83
C ILE D 9 -1.27 -3.26 -24.67
N ARG D 10 -2.36 -2.68 -25.18
CA ARG D 10 -3.27 -3.43 -26.05
C ARG D 10 -2.53 -3.98 -27.26
N LYS D 11 -1.66 -3.15 -27.85
CA LYS D 11 -0.87 -3.59 -28.97
C LYS D 11 0.07 -4.73 -28.58
N ALA D 12 0.67 -4.65 -27.39
CA ALA D 12 1.56 -5.74 -26.98
C ALA D 12 0.78 -7.00 -26.64
N LEU D 13 -0.47 -6.87 -26.18
CA LEU D 13 -1.26 -8.05 -25.81
C LEU D 13 -1.74 -8.80 -27.04
N MET D 14 -2.12 -8.09 -28.09
CA MET D 14 -2.51 -8.72 -29.36
C MET D 14 -1.29 -9.41 -29.94
C10 EEY E . -11.96 12.59 8.11
N12 EEY E . -11.19 11.41 7.76
C13 EEY E . -9.74 11.33 7.79
C15 EEY E . -7.80 10.11 7.25
C17 EEY E . -7.61 12.20 8.30
C01 EEY E . -16.13 11.93 7.53
C02 EEY E . -15.69 12.41 8.75
C03 EEY E . -14.35 12.64 8.98
C04 EEY E . -13.45 12.39 7.96
C05 EEY E . -13.88 11.90 6.74
C06 EEY E . -15.21 11.67 6.53
C14 EEY E . -9.17 10.23 7.26
C18 EEY E . -8.98 12.32 8.31
N07 EEY E . -15.70 11.17 5.27
N16 EEY E . -7.04 11.10 7.78
O08 EEY E . -14.88 11.19 4.13
O09 EEY E . -16.78 10.72 5.21
O11 EEY E . -11.50 13.63 8.44
C10 EEY F . 8.50 9.14 -14.62
N12 EEY F . 7.97 8.31 -13.55
C13 EEY F . 6.61 7.83 -13.47
C15 EEY F . 4.93 6.79 -12.19
C17 EEY F . 4.44 7.54 -14.36
C01 EEY F . 12.52 10.25 -13.75
C02 EEY F . 12.22 9.83 -15.03
C03 EEY F . 10.92 9.48 -15.37
C04 EEY F . 9.94 9.52 -14.41
C05 EEY F . 10.23 9.94 -13.13
C06 EEY F . 11.51 10.28 -12.80
C14 EEY F . 6.23 7.24 -12.32
C18 EEY F . 5.74 8.00 -14.50
N07 EEY F . 11.81 10.72 -11.47
N16 EEY F . 4.08 6.95 -13.21
O08 EEY F . 10.75 11.01 -10.60
O09 EEY F . 12.93 10.83 -11.13
O11 EEY F . 7.87 9.48 -15.57
#